data_7U3R
#
_entry.id   7U3R
#
_cell.length_a   157.548
_cell.length_b   157.548
_cell.length_c   133.470
_cell.angle_alpha   90.000
_cell.angle_beta   90.000
_cell.angle_gamma   120.000
#
_symmetry.space_group_name_H-M   'H 3'
#
loop_
_entity.id
_entity.type
_entity.pdbx_description
1 polymer "DNA (5'-D(*TP*CP*TP*GP*AP*TP*GP*T)-3')"
2 polymer "DNA (5'-D(*AP*CP*GP*CP*AP*GP*CP*CP*TP*GP*TP*AP*CP*GP*GP*AP*CP*AP*TP*CP*A)-3')"
3 polymer "DNA (5'-D(*GP*AP*TP*GP*CP*TP*GP*AP*GP*T)-3')"
4 polymer "DNA (5'-D(P*GP*TP*AP*CP*TP*CP*AP*GP*CP*A)-3')"
5 polymer "DNA (5'-D(P*CP*CP*GP*T)-3')"
6 polymer "DNA (5'-D(P*GP*GP*CP*TP*GP*C)-3')"
7 polymer "DNA (5'-D(P*AP*CP*A)-3')"
#
loop_
_entity_poly.entity_id
_entity_poly.type
_entity_poly.pdbx_seq_one_letter_code
_entity_poly.pdbx_strand_id
1 'polydeoxyribonucleotide' (DT)(DC)(DT)(DG)(DA)(DT)(DG)(DT) C
2 'polydeoxyribonucleotide'
;(DA)(DC)(DG)(DC)(DA)(DG)(DC)(DC)(DT)(DG)(DT)(DA)(DC)(DG)(DG)(DA)(DC)(DA)(DT)(DC)
(DA)
;
A
3 'polydeoxyribonucleotide' (DG)(DA)(DT)(DG)(DC)(DT)(DG)(DA)(DG)(DT) Y
4 'polydeoxyribonucleotide' (DG)(DT)(DA)(DC)(DT)(DC)(DA)(DG)(DC)(DA) X
5 'polydeoxyribonucleotide' (DC)(DC)(DG)(DT) B
6 'polydeoxyribonucleotide' (DG)(DG)(DC)(DT)(DG)(DC) D
7 'polydeoxyribonucleotide' (DA)(DC)(DA) E
#